data_7G9M
#
_entry.id   7G9M
#
_cell.length_a   53.781
_cell.length_b   69.719
_cell.length_c   57.539
_cell.angle_alpha   90.000
_cell.angle_beta   92.280
_cell.angle_gamma   90.000
#
_symmetry.space_group_name_H-M   'P 1 21 1'
#
loop_
_entity.id
_entity.type
_entity.pdbx_description
1 polymer 'Serine protease NS3'
2 non-polymer 1,2-ETHANEDIOL
3 non-polymer 'PHOSPHATE ION'
4 non-polymer ~{N}-(4-fluorophenyl)-4-methyl-piperazine-1-carboxamide
5 water water
#
_entity_poly.entity_id   1
_entity_poly.type   'polypeptide(L)'
_entity_poly.pdbx_seq_one_letter_code
;MLKKKQLTVLDLHPGAGKTRRVLPEIVREAIKKRLRTVILAPTRVVAAEMEEALRGLPVRYMTTAVNVTHSGTEIVDLMC
HATFTSRLLQPIRVPNYNLNIMDEAHFTDPSSIAARGYISTRVEMGEAAAIFMTATPPGTRDAFPDSNSPIMDTEVEVPE
RAWSSGFDWVTDHSGKTVWFVPSVRNGNEIAACLTKAGKRVIQLSRKTFETEFQKTKNQEWDFVITTDISEMGANFKADR
VIDSRRCLKPVILDGERVILAGPMPVTHASAAQRRGRIGRNPNKPGDEYMYGGGCAETDEGHAHWLEARMLLDNIYLQDG
LIASLYRPEADKVAAIEGEFKLRTEQRKTFVELMKRGDLPVWLAYQVASAGITYTDRRWCFDGTTNNTIMEDSVPAEVWT
KYGEKRVLKPRWMDARVCSDHAALKSFKEFAAGKR
;
_entity_poly.pdbx_strand_id   A
#
loop_
_chem_comp.id
_chem_comp.type
_chem_comp.name
_chem_comp.formula
AWD non-polymer ~{N}-(4-fluorophenyl)-4-methyl-piperazine-1-carboxamide 'C12 H16 F N3 O'
EDO non-polymer 1,2-ETHANEDIOL 'C2 H6 O2'
PO4 non-polymer 'PHOSPHATE ION' 'O4 P -3'
#
# COMPACT_ATOMS: atom_id res chain seq x y z
N MET A 1 4.37 -16.61 22.16
CA MET A 1 4.12 -16.00 20.86
C MET A 1 3.97 -17.03 19.73
N LEU A 2 4.87 -18.01 19.68
CA LEU A 2 4.96 -18.96 18.58
C LEU A 2 4.00 -20.16 18.67
N LYS A 3 3.26 -20.30 19.79
CA LYS A 3 2.32 -21.40 19.99
C LYS A 3 1.11 -21.31 19.06
N LYS A 4 0.59 -22.46 18.61
CA LYS A 4 -0.59 -22.50 17.73
C LYS A 4 -1.77 -21.75 18.35
N LYS A 5 -2.70 -21.28 17.53
CA LYS A 5 -3.90 -20.52 17.93
C LYS A 5 -3.57 -19.17 18.60
N GLN A 6 -2.31 -18.68 18.50
CA GLN A 6 -2.00 -17.35 19.07
C GLN A 6 -1.69 -16.28 18.00
N LEU A 7 -2.35 -15.11 18.10
CA LEU A 7 -2.08 -13.95 17.26
C LEU A 7 -1.60 -12.84 18.20
N THR A 8 -0.36 -12.42 18.04
CA THR A 8 0.23 -11.36 18.86
C THR A 8 0.38 -10.09 18.05
N VAL A 9 -0.02 -8.96 18.62
CA VAL A 9 0.18 -7.67 17.98
C VAL A 9 1.42 -7.05 18.66
N LEU A 10 2.54 -6.96 17.95
CA LEU A 10 3.77 -6.37 18.51
C LEU A 10 3.66 -4.88 18.17
N ASP A 11 3.21 -4.07 19.16
CA ASP A 11 2.91 -2.68 18.96
C ASP A 11 3.85 -1.70 19.64
N LEU A 12 5.15 -2.02 19.65
CA LEU A 12 6.15 -1.08 20.16
C LEU A 12 6.13 0.20 19.28
N HIS A 13 6.46 1.35 19.87
CA HIS A 13 6.43 2.63 19.17
C HIS A 13 7.30 2.66 17.90
N PRO A 14 7.03 3.59 16.95
CA PRO A 14 7.87 3.66 15.73
C PRO A 14 9.33 3.89 16.07
N GLY A 15 10.21 3.12 15.45
CA GLY A 15 11.63 3.21 15.74
C GLY A 15 12.08 2.44 16.96
N ALA A 16 11.16 1.68 17.62
CA ALA A 16 11.55 0.91 18.81
C ALA A 16 12.46 -0.30 18.53
N GLY A 17 12.59 -0.69 17.26
CA GLY A 17 13.46 -1.80 16.89
C GLY A 17 12.72 -3.07 16.49
N LYS A 18 11.43 -2.96 16.13
CA LYS A 18 10.67 -4.16 15.75
C LYS A 18 11.31 -4.93 14.60
N THR A 19 11.71 -4.23 13.53
CA THR A 19 12.28 -4.88 12.34
C THR A 19 13.72 -5.33 12.47
N ARG A 20 14.60 -4.51 13.07
CA ARG A 20 16.02 -4.86 13.14
C ARG A 20 16.45 -5.61 14.40
N ARG A 21 15.71 -5.47 15.51
CA ARG A 21 16.10 -6.17 16.74
C ARG A 21 15.19 -7.34 17.07
N VAL A 22 13.87 -7.11 17.12
CA VAL A 22 12.93 -8.15 17.52
C VAL A 22 12.77 -9.23 16.43
N LEU A 23 12.60 -8.83 15.18
CA LEU A 23 12.40 -9.82 14.10
C LEU A 23 13.51 -10.91 14.04
N PRO A 24 14.82 -10.61 14.11
CA PRO A 24 15.83 -11.69 14.07
C PRO A 24 15.69 -12.66 15.26
N GLU A 25 15.33 -12.13 16.45
CA GLU A 25 15.13 -12.96 17.65
C GLU A 25 13.99 -13.95 17.41
N ILE A 26 12.85 -13.45 16.87
CA ILE A 26 11.71 -14.33 16.56
C ILE A 26 12.12 -15.42 15.58
N VAL A 27 12.81 -15.04 14.50
CA VAL A 27 13.23 -15.98 13.47
C VAL A 27 14.18 -17.05 14.01
N ARG A 28 15.16 -16.66 14.84
CA ARG A 28 16.05 -17.63 15.46
C ARG A 28 15.25 -18.63 16.32
N GLU A 29 14.27 -18.13 17.09
CA GLU A 29 13.41 -19.03 17.90
C GLU A 29 12.55 -19.95 17.00
N ALA A 30 12.00 -19.44 15.90
CA ALA A 30 11.17 -20.23 14.99
C ALA A 30 11.99 -21.36 14.36
N ILE A 31 13.23 -21.06 13.97
CA ILE A 31 14.13 -22.06 13.39
C ILE A 31 14.47 -23.15 14.44
N LYS A 32 14.72 -22.75 15.70
CA LYS A 32 15.01 -23.67 16.82
C LYS A 32 13.83 -24.65 17.01
N LYS A 33 12.59 -24.16 16.88
CA LYS A 33 11.38 -25.00 17.04
C LYS A 33 10.88 -25.70 15.79
N ARG A 34 11.63 -25.58 14.67
CA ARG A 34 11.30 -26.15 13.38
C ARG A 34 9.96 -25.66 12.87
N LEU A 35 9.67 -24.37 13.06
CA LEU A 35 8.40 -23.85 12.56
C LEU A 35 8.56 -23.37 11.12
N ARG A 36 7.74 -23.89 10.17
CA ARG A 36 7.75 -23.41 8.80
C ARG A 36 7.16 -21.97 8.88
N THR A 37 7.97 -20.96 8.52
CA THR A 37 7.60 -19.56 8.77
C THR A 37 7.59 -18.65 7.53
N VAL A 38 6.63 -17.72 7.48
CA VAL A 38 6.61 -16.73 6.41
C VAL A 38 6.79 -15.37 7.05
N ILE A 39 7.60 -14.50 6.41
CA ILE A 39 7.83 -13.11 6.83
C ILE A 39 7.34 -12.23 5.67
N LEU A 40 6.37 -11.37 5.94
CA LEU A 40 5.76 -10.51 4.93
C LEU A 40 6.20 -9.06 5.04
N ALA A 41 6.90 -8.57 3.99
CA ALA A 41 7.39 -7.19 3.89
C ALA A 41 6.39 -6.35 3.08
N PRO A 42 6.13 -5.08 3.42
CA PRO A 42 5.15 -4.30 2.63
C PRO A 42 5.66 -3.94 1.22
N THR A 43 6.99 -3.67 1.11
CA THR A 43 7.65 -3.25 -0.12
C THR A 43 8.98 -3.97 -0.37
N ARG A 44 9.48 -3.86 -1.60
CA ARG A 44 10.76 -4.44 -1.94
CA ARG A 44 10.77 -4.43 -1.96
C ARG A 44 11.88 -3.74 -1.18
N VAL A 45 11.73 -2.42 -0.87
CA VAL A 45 12.73 -1.69 -0.09
C VAL A 45 12.84 -2.31 1.32
N VAL A 46 11.68 -2.63 1.93
CA VAL A 46 11.69 -3.24 3.27
C VAL A 46 12.27 -4.66 3.19
N ALA A 47 11.94 -5.43 2.14
CA ALA A 47 12.49 -6.77 1.95
C ALA A 47 14.03 -6.74 1.93
N ALA A 48 14.63 -5.74 1.25
CA ALA A 48 16.10 -5.59 1.21
C ALA A 48 16.66 -5.18 2.57
N GLU A 49 15.98 -4.32 3.32
CA GLU A 49 16.43 -3.94 4.67
C GLU A 49 16.33 -5.12 5.66
N MET A 50 15.37 -6.02 5.44
CA MET A 50 15.20 -7.21 6.24
C MET A 50 16.33 -8.19 5.99
N GLU A 51 16.82 -8.34 4.72
CA GLU A 51 17.95 -9.26 4.48
C GLU A 51 19.19 -8.81 5.28
N GLU A 52 19.38 -7.49 5.40
CA GLU A 52 20.51 -6.97 6.17
C GLU A 52 20.39 -7.33 7.66
N ALA A 53 19.20 -7.19 8.23
CA ALA A 53 18.93 -7.52 9.64
C ALA A 53 18.98 -9.02 9.92
N LEU A 54 18.67 -9.84 8.91
CA LEU A 54 18.63 -11.29 9.05
C LEU A 54 19.85 -11.99 8.47
N ARG A 55 20.90 -11.25 8.08
CA ARG A 55 22.10 -11.85 7.49
C ARG A 55 22.71 -12.90 8.42
N GLY A 56 23.01 -14.08 7.88
CA GLY A 56 23.52 -15.18 8.69
C GLY A 56 22.48 -16.21 9.05
N LEU A 57 21.19 -15.85 8.96
CA LEU A 57 20.08 -16.75 9.24
C LEU A 57 19.59 -17.38 7.94
N PRO A 58 19.22 -18.65 7.99
CA PRO A 58 18.78 -19.33 6.76
C PRO A 58 17.36 -18.93 6.34
N VAL A 59 17.25 -17.90 5.48
CA VAL A 59 15.97 -17.35 4.98
C VAL A 59 15.93 -17.41 3.46
N ARG A 60 14.82 -17.91 2.88
CA ARG A 60 14.61 -18.00 1.44
C ARG A 60 13.88 -16.72 1.04
N TYR A 61 14.51 -15.90 0.20
CA TYR A 61 13.99 -14.63 -0.26
C TYR A 61 13.24 -14.82 -1.56
N MET A 62 11.91 -14.80 -1.48
CA MET A 62 11.04 -14.95 -2.63
C MET A 62 10.69 -13.58 -3.21
N THR A 63 11.74 -12.84 -3.61
CA THR A 63 11.64 -11.50 -4.17
C THR A 63 12.90 -11.21 -5.01
N THR A 64 12.75 -10.49 -6.16
CA THR A 64 13.95 -10.13 -6.93
C THR A 64 14.68 -8.91 -6.34
N ALA A 65 14.18 -8.36 -5.21
CA ALA A 65 14.81 -7.22 -4.55
C ALA A 65 16.13 -7.61 -3.85
N VAL A 66 16.34 -8.92 -3.58
CA VAL A 66 17.51 -9.47 -2.91
C VAL A 66 18.21 -10.45 -3.86
N ASN A 67 19.54 -10.33 -4.02
CA ASN A 67 20.31 -11.22 -4.89
C ASN A 67 21.04 -12.26 -4.06
N VAL A 68 20.38 -13.34 -3.64
CA VAL A 68 21.05 -14.37 -2.82
C VAL A 68 20.93 -15.79 -3.38
N THR A 69 22.00 -16.58 -3.18
CA THR A 69 22.03 -17.97 -3.61
C THR A 69 21.40 -18.84 -2.50
N HIS A 70 20.12 -19.24 -2.65
CA HIS A 70 19.40 -20.08 -1.68
C HIS A 70 19.76 -21.55 -1.69
N SER A 71 20.26 -22.04 -0.54
CA SER A 71 20.68 -23.43 -0.27
C SER A 71 19.63 -24.51 -0.55
N GLY A 72 18.36 -24.17 -0.41
CA GLY A 72 17.28 -25.13 -0.61
C GLY A 72 16.84 -25.82 0.68
N THR A 73 17.53 -25.58 1.81
CA THR A 73 17.17 -26.17 3.09
C THR A 73 16.49 -25.18 4.07
N GLU A 74 16.19 -23.95 3.63
CA GLU A 74 15.55 -22.96 4.49
C GLU A 74 14.10 -23.37 4.79
N ILE A 75 13.66 -23.14 6.06
CA ILE A 75 12.25 -23.34 6.38
C ILE A 75 11.54 -21.99 6.67
N VAL A 76 12.24 -20.85 6.47
CA VAL A 76 11.73 -19.52 6.64
C VAL A 76 11.73 -18.86 5.25
N ASP A 77 10.57 -18.38 4.80
CA ASP A 77 10.41 -17.70 3.52
C ASP A 77 10.11 -16.23 3.77
N LEU A 78 10.59 -15.34 2.90
CA LEU A 78 10.30 -13.92 3.04
C LEU A 78 9.80 -13.43 1.68
N MET A 79 8.62 -12.76 1.67
CA MET A 79 8.08 -12.21 0.44
C MET A 79 7.29 -10.95 0.79
N CYS A 80 6.83 -10.19 -0.23
CA CYS A 80 6.02 -9.02 0.03
C CYS A 80 4.57 -9.40 0.36
N HIS A 81 3.82 -8.50 1.05
CA HIS A 81 2.39 -8.80 1.34
C HIS A 81 1.61 -9.16 0.06
N ALA A 82 1.88 -8.40 -1.05
CA ALA A 82 1.14 -8.61 -2.33
C ALA A 82 1.45 -9.96 -2.91
N THR A 83 2.71 -10.40 -2.81
CA THR A 83 3.12 -11.71 -3.36
C THR A 83 2.43 -12.86 -2.62
N PHE A 84 2.29 -12.74 -1.29
CA PHE A 84 1.59 -13.77 -0.49
C PHE A 84 0.15 -13.92 -0.99
N THR A 85 -0.57 -12.77 -1.11
CA THR A 85 -1.98 -12.87 -1.55
C THR A 85 -2.10 -13.35 -2.99
N SER A 86 -1.17 -12.91 -3.84
CA SER A 86 -1.15 -13.35 -5.24
C SER A 86 -0.97 -14.86 -5.35
N ARG A 87 0.01 -15.42 -4.59
CA ARG A 87 0.23 -16.87 -4.66
C ARG A 87 -0.97 -17.64 -4.12
N LEU A 88 -1.68 -17.09 -3.11
CA LEU A 88 -2.88 -17.75 -2.60
C LEU A 88 -3.95 -17.80 -3.71
N LEU A 89 -4.09 -16.70 -4.47
CA LEU A 89 -5.09 -16.64 -5.56
C LEU A 89 -4.73 -17.54 -6.76
N GLN A 90 -3.46 -17.64 -7.09
CA GLN A 90 -3.00 -18.46 -8.22
C GLN A 90 -3.10 -19.97 -7.91
N PRO A 91 -3.08 -20.87 -8.93
CA PRO A 91 -3.23 -22.32 -8.63
C PRO A 91 -2.07 -22.95 -7.83
N ILE A 92 -0.93 -22.25 -7.74
CA ILE A 92 0.28 -22.66 -7.01
C ILE A 92 0.02 -23.01 -5.54
N ARG A 93 0.70 -24.05 -5.04
CA ARG A 93 0.63 -24.50 -3.66
C ARG A 93 1.40 -23.56 -2.75
N VAL A 94 0.72 -22.99 -1.78
CA VAL A 94 1.40 -22.14 -0.78
C VAL A 94 1.46 -23.04 0.46
N PRO A 95 2.65 -23.18 1.08
CA PRO A 95 2.74 -24.02 2.28
C PRO A 95 1.81 -23.52 3.39
N ASN A 96 1.37 -24.40 4.27
CA ASN A 96 0.49 -23.99 5.38
C ASN A 96 1.42 -23.58 6.53
N TYR A 97 1.95 -22.34 6.47
CA TYR A 97 2.91 -21.83 7.45
C TYR A 97 2.46 -22.00 8.90
N ASN A 98 3.35 -22.52 9.77
CA ASN A 98 3.01 -22.66 11.20
C ASN A 98 3.05 -21.29 11.89
N LEU A 99 3.99 -20.41 11.46
CA LEU A 99 4.12 -19.07 12.03
C LEU A 99 4.08 -18.04 10.86
N ASN A 100 3.23 -17.01 10.99
CA ASN A 100 3.02 -15.98 9.97
C ASN A 100 3.38 -14.64 10.58
N ILE A 101 4.43 -14.02 10.09
CA ILE A 101 4.87 -12.73 10.61
C ILE A 101 4.63 -11.64 9.58
N MET A 102 3.80 -10.64 9.88
CA MET A 102 3.58 -9.53 8.97
C MET A 102 4.26 -8.28 9.51
N ASP A 103 5.27 -7.74 8.80
CA ASP A 103 5.88 -6.46 9.23
C ASP A 103 5.07 -5.32 8.58
N GLU A 104 5.06 -4.14 9.23
CA GLU A 104 4.31 -2.96 8.82
C GLU A 104 2.85 -3.34 8.55
N ALA A 105 2.28 -4.09 9.53
CA ALA A 105 0.97 -4.70 9.48
C ALA A 105 -0.20 -3.72 9.41
N HIS A 106 0.08 -2.41 9.49
CA HIS A 106 -0.97 -1.42 9.33
C HIS A 106 -1.32 -1.15 7.83
N PHE A 107 -0.58 -1.74 6.87
CA PHE A 107 -0.72 -1.44 5.44
C PHE A 107 -2.15 -1.68 4.99
N THR A 108 -2.80 -0.64 4.42
CA THR A 108 -4.21 -0.75 4.04
C THR A 108 -4.48 -1.01 2.54
N ASP A 109 -3.47 -1.42 1.78
CA ASP A 109 -3.75 -1.84 0.39
C ASP A 109 -4.56 -3.14 0.43
N PRO A 110 -5.46 -3.33 -0.56
CA PRO A 110 -6.34 -4.49 -0.53
C PRO A 110 -5.63 -5.82 -0.29
N SER A 111 -4.45 -6.05 -0.94
CA SER A 111 -3.76 -7.35 -0.77
C SER A 111 -3.22 -7.57 0.67
N SER A 112 -2.91 -6.46 1.36
CA SER A 112 -2.41 -6.55 2.75
C SER A 112 -3.58 -6.85 3.71
N ILE A 113 -4.74 -6.19 3.49
CA ILE A 113 -5.94 -6.48 4.30
C ILE A 113 -6.37 -7.94 4.11
N ALA A 114 -6.34 -8.42 2.83
CA ALA A 114 -6.73 -9.81 2.57
C ALA A 114 -5.72 -10.77 3.24
N ALA A 115 -4.41 -10.46 3.18
CA ALA A 115 -3.41 -11.31 3.84
C ALA A 115 -3.72 -11.41 5.37
N ARG A 116 -4.03 -10.26 6.04
CA ARG A 116 -4.38 -10.30 7.46
C ARG A 116 -5.62 -11.15 7.71
N GLY A 117 -6.58 -11.06 6.82
CA GLY A 117 -7.83 -11.83 6.94
C GLY A 117 -7.58 -13.33 6.90
N TYR A 118 -6.83 -13.74 5.90
CA TYR A 118 -6.50 -15.14 5.74
C TYR A 118 -5.69 -15.70 6.92
N ILE A 119 -4.62 -15.00 7.32
CA ILE A 119 -3.77 -15.44 8.39
C ILE A 119 -4.56 -15.51 9.73
N SER A 120 -5.31 -14.43 10.06
CA SER A 120 -6.06 -14.37 11.32
C SER A 120 -7.13 -15.46 11.38
N THR A 121 -7.70 -15.83 10.20
CA THR A 121 -8.67 -16.90 10.11
C THR A 121 -7.99 -18.23 10.41
N ARG A 122 -6.81 -18.48 9.82
CA ARG A 122 -6.05 -19.70 10.12
C ARG A 122 -5.72 -19.81 11.62
N VAL A 123 -5.40 -18.67 12.26
CA VAL A 123 -5.11 -18.68 13.69
C VAL A 123 -6.40 -18.99 14.48
N GLU A 124 -7.52 -18.35 14.14
CA GLU A 124 -8.80 -18.61 14.80
C GLU A 124 -9.21 -20.08 14.69
N MET A 125 -8.91 -20.72 13.54
CA MET A 125 -9.18 -22.14 13.33
C MET A 125 -8.32 -23.08 14.19
N GLY A 126 -7.27 -22.56 14.81
CA GLY A 126 -6.34 -23.31 15.63
C GLY A 126 -5.22 -23.97 14.85
N GLU A 127 -4.97 -23.50 13.63
CA GLU A 127 -3.99 -24.13 12.74
C GLU A 127 -2.63 -23.50 12.72
N ALA A 128 -2.52 -22.25 13.17
CA ALA A 128 -1.27 -21.53 13.03
C ALA A 128 -1.12 -20.44 14.12
N ALA A 129 0.07 -19.87 14.22
CA ALA A 129 0.35 -18.70 15.05
C ALA A 129 0.64 -17.51 14.08
N ALA A 130 0.53 -16.28 14.57
CA ALA A 130 0.83 -15.10 13.76
C ALA A 130 1.32 -13.96 14.65
N ILE A 131 2.20 -13.09 14.09
CA ILE A 131 2.65 -11.92 14.77
C ILE A 131 2.45 -10.75 13.79
N PHE A 132 1.67 -9.74 14.17
CA PHE A 132 1.48 -8.57 13.34
C PHE A 132 2.32 -7.46 13.97
N MET A 133 3.35 -6.98 13.25
CA MET A 133 4.20 -5.95 13.79
C MET A 133 3.82 -4.59 13.25
N THR A 134 3.36 -3.71 14.17
CA THR A 134 3.04 -2.32 13.83
C THR A 134 2.84 -1.50 15.09
N ALA A 135 3.32 -0.28 15.06
CA ALA A 135 3.06 0.67 16.13
C ALA A 135 1.60 1.14 16.14
N THR A 136 0.88 1.00 15.02
CA THR A 136 -0.48 1.55 14.89
C THR A 136 -1.46 0.49 14.41
N PRO A 137 -1.93 -0.39 15.34
CA PRO A 137 -2.91 -1.41 14.94
C PRO A 137 -4.23 -0.79 14.48
N PRO A 138 -5.07 -1.57 13.78
CA PRO A 138 -6.36 -1.04 13.32
C PRO A 138 -7.21 -0.44 14.44
N GLY A 139 -7.72 0.75 14.24
CA GLY A 139 -8.57 1.40 15.23
C GLY A 139 -7.85 2.26 16.24
N THR A 140 -6.52 2.38 16.14
CA THR A 140 -5.76 3.23 17.05
C THR A 140 -6.23 4.68 16.95
N ARG A 141 -6.35 5.35 18.09
CA ARG A 141 -6.81 6.74 18.12
C ARG A 141 -5.71 7.68 18.61
N ASP A 142 -4.46 7.22 18.66
CA ASP A 142 -3.37 8.05 19.15
C ASP A 142 -2.47 8.47 17.96
N ALA A 143 -2.60 9.71 17.51
CA ALA A 143 -1.75 10.21 16.41
C ALA A 143 -0.36 10.62 16.91
N PHE A 144 -0.14 10.72 18.24
CA PHE A 144 1.15 11.17 18.77
C PHE A 144 1.82 10.12 19.69
N PRO A 145 2.21 8.95 19.18
CA PRO A 145 2.84 7.96 20.05
C PRO A 145 4.27 8.31 20.47
N ASP A 146 4.85 7.47 21.32
CA ASP A 146 6.21 7.65 21.79
C ASP A 146 7.22 7.64 20.62
N SER A 147 8.40 8.21 20.85
CA SER A 147 9.45 8.21 19.83
C SER A 147 10.82 8.01 20.52
N ASN A 148 11.89 7.74 19.75
CA ASN A 148 13.24 7.58 20.35
C ASN A 148 13.76 8.89 20.91
N SER A 149 13.36 10.03 20.31
CA SER A 149 13.74 11.33 20.85
C SER A 149 12.60 12.33 20.72
N PRO A 150 12.53 13.31 21.63
CA PRO A 150 11.39 14.25 21.61
C PRO A 150 11.18 14.93 20.26
N ILE A 151 9.91 15.14 19.90
CA ILE A 151 9.49 15.78 18.65
C ILE A 151 8.75 17.09 18.99
N MET A 152 8.96 18.15 18.18
CA MET A 152 8.23 19.41 18.32
C MET A 152 6.98 19.30 17.43
N ASP A 153 5.78 19.14 18.02
CA ASP A 153 4.53 19.00 17.24
C ASP A 153 3.88 20.39 17.09
N THR A 154 3.61 20.84 15.85
CA THR A 154 3.00 22.16 15.65
C THR A 154 1.88 22.06 14.66
N GLU A 155 0.66 22.49 15.04
CA GLU A 155 -0.48 22.58 14.13
C GLU A 155 -0.29 23.87 13.35
N VAL A 156 -0.21 23.79 12.02
CA VAL A 156 0.03 24.97 11.17
C VAL A 156 -0.62 24.78 9.80
N GLU A 157 -1.02 25.91 9.11
CA GLU A 157 -1.59 25.80 7.77
C GLU A 157 -0.46 25.36 6.81
N VAL A 158 -0.68 24.27 6.11
CA VAL A 158 0.27 23.69 5.15
C VAL A 158 -0.22 23.94 3.71
N PRO A 159 0.65 24.46 2.84
CA PRO A 159 0.23 24.65 1.44
C PRO A 159 -0.10 23.35 0.73
N GLU A 160 -1.15 23.36 -0.08
CA GLU A 160 -1.51 22.24 -0.95
C GLU A 160 -1.47 22.64 -2.46
N ARG A 161 -0.99 23.86 -2.74
CA ARG A 161 -0.81 24.44 -4.08
C ARG A 161 0.50 25.26 -4.05
N ALA A 162 0.95 25.75 -5.23
CA ALA A 162 2.08 26.66 -5.31
C ALA A 162 1.75 27.93 -4.51
N TRP A 163 2.76 28.55 -3.92
CA TRP A 163 2.55 29.74 -3.10
C TRP A 163 3.65 30.74 -3.39
N SER A 164 3.35 32.02 -3.19
CA SER A 164 4.31 33.10 -3.41
C SER A 164 4.70 33.79 -2.10
N SER A 165 3.83 33.72 -1.08
CA SER A 165 4.05 34.37 0.20
C SER A 165 3.23 33.69 1.32
N GLY A 166 3.55 33.98 2.56
CA GLY A 166 2.81 33.50 3.71
C GLY A 166 3.28 32.19 4.32
N PHE A 167 4.27 31.52 3.71
CA PHE A 167 4.76 30.24 4.23
C PHE A 167 6.29 30.25 4.29
N ASP A 168 6.89 31.37 4.74
CA ASP A 168 8.35 31.45 4.78
C ASP A 168 9.00 30.30 5.59
N TRP A 169 8.32 29.80 6.65
CA TRP A 169 8.87 28.70 7.49
C TRP A 169 9.20 27.44 6.68
N VAL A 170 8.44 27.22 5.60
CA VAL A 170 8.67 26.06 4.75
C VAL A 170 10.07 26.10 4.09
N THR A 171 10.43 27.24 3.46
CA THR A 171 11.69 27.33 2.72
C THR A 171 12.85 27.86 3.53
N ASP A 172 12.58 28.56 4.65
CA ASP A 172 13.65 29.08 5.51
C ASP A 172 14.48 27.96 6.22
N HIS A 173 13.97 26.75 6.26
CA HIS A 173 14.59 25.59 6.89
C HIS A 173 15.85 25.14 6.14
N SER A 174 16.92 24.77 6.85
CA SER A 174 18.16 24.34 6.21
C SER A 174 18.46 22.84 6.35
N GLY A 175 17.51 22.06 6.83
CA GLY A 175 17.69 20.62 7.02
C GLY A 175 17.00 19.84 5.92
N LYS A 176 16.54 18.62 6.22
CA LYS A 176 15.88 17.79 5.21
C LYS A 176 14.45 17.53 5.66
N THR A 177 13.48 17.70 4.74
CA THR A 177 12.07 17.57 5.09
C THR A 177 11.40 16.46 4.32
N VAL A 178 10.56 15.65 4.98
CA VAL A 178 9.73 14.66 4.26
C VAL A 178 8.30 15.24 4.31
N TRP A 179 7.66 15.44 3.13
CA TRP A 179 6.37 16.13 3.07
C TRP A 179 5.35 15.21 2.49
N PHE A 180 4.32 14.88 3.27
CA PHE A 180 3.24 13.99 2.84
C PHE A 180 2.11 14.77 2.20
N VAL A 181 1.84 14.45 0.92
CA VAL A 181 0.79 15.06 0.12
C VAL A 181 -0.33 14.08 -0.16
N PRO A 182 -1.54 14.59 -0.48
CA PRO A 182 -2.67 13.67 -0.70
C PRO A 182 -2.68 12.91 -2.01
N SER A 183 -1.93 13.40 -3.03
CA SER A 183 -1.94 12.71 -4.33
C SER A 183 -0.67 13.01 -5.12
N VAL A 184 -0.41 12.21 -6.16
CA VAL A 184 0.74 12.44 -7.03
C VAL A 184 0.63 13.81 -7.73
N ARG A 185 -0.57 14.15 -8.25
CA ARG A 185 -0.76 15.44 -8.93
C ARG A 185 -0.50 16.61 -7.96
N ASN A 186 -0.96 16.48 -6.70
CA ASN A 186 -0.71 17.54 -5.72
CA ASN A 186 -0.71 17.50 -5.69
C ASN A 186 0.80 17.64 -5.43
N GLY A 187 1.49 16.50 -5.32
CA GLY A 187 2.96 16.56 -5.08
C GLY A 187 3.70 17.23 -6.22
N ASN A 188 3.29 16.95 -7.48
CA ASN A 188 3.90 17.57 -8.69
C ASN A 188 3.88 19.11 -8.59
N GLU A 189 2.74 19.70 -8.19
CA GLU A 189 2.63 21.16 -8.05
C GLU A 189 3.53 21.69 -6.93
N ILE A 190 3.52 21.04 -5.75
CA ILE A 190 4.37 21.48 -4.65
C ILE A 190 5.86 21.31 -5.00
N ALA A 191 6.23 20.19 -5.66
CA ALA A 191 7.64 19.96 -6.02
C ALA A 191 8.10 21.04 -7.01
N ALA A 192 7.27 21.40 -8.00
CA ALA A 192 7.63 22.46 -8.97
C ALA A 192 7.86 23.79 -8.26
N CYS A 193 7.01 24.11 -7.28
CA CYS A 193 7.16 25.33 -6.51
C CYS A 193 8.48 25.36 -5.76
N LEU A 194 8.81 24.24 -5.07
CA LEU A 194 10.06 24.13 -4.30
C LEU A 194 11.25 24.16 -5.23
N THR A 195 11.22 23.46 -6.38
CA THR A 195 12.34 23.48 -7.34
C THR A 195 12.60 24.91 -7.88
N LYS A 196 11.55 25.67 -8.17
CA LYS A 196 11.68 27.06 -8.62
C LYS A 196 12.31 27.92 -7.52
N ALA A 197 12.09 27.56 -6.24
CA ALA A 197 12.70 28.27 -5.13
C ALA A 197 14.14 27.83 -4.83
N GLY A 198 14.71 26.94 -5.64
CA GLY A 198 16.10 26.51 -5.45
C GLY A 198 16.30 25.25 -4.64
N LYS A 199 15.20 24.53 -4.31
CA LYS A 199 15.34 23.28 -3.52
C LYS A 199 15.55 22.06 -4.39
N ARG A 200 16.22 21.01 -3.86
CA ARG A 200 16.40 19.70 -4.52
C ARG A 200 15.30 18.80 -3.99
N VAL A 201 14.44 18.34 -4.88
CA VAL A 201 13.26 17.60 -4.50
C VAL A 201 13.22 16.22 -5.13
N ILE A 202 12.91 15.19 -4.31
CA ILE A 202 12.72 13.82 -4.82
C ILE A 202 11.23 13.53 -4.61
N GLN A 203 10.56 12.89 -5.59
CA GLN A 203 9.14 12.57 -5.42
C GLN A 203 8.96 11.06 -5.37
N LEU A 204 8.14 10.58 -4.42
CA LEU A 204 7.86 9.15 -4.28
C LEU A 204 6.38 8.90 -4.36
N SER A 205 6.04 7.78 -4.98
CA SER A 205 4.65 7.32 -5.08
C SER A 205 4.73 5.79 -5.27
N ARG A 206 3.58 5.09 -5.23
CA ARG A 206 3.59 3.63 -5.36
C ARG A 206 4.31 3.11 -6.60
N LYS A 207 4.02 3.70 -7.77
CA LYS A 207 4.59 3.21 -9.02
C LYS A 207 6.07 3.45 -9.16
N THR A 208 6.60 4.50 -8.54
CA THR A 208 8.00 4.85 -8.67
C THR A 208 8.86 4.53 -7.44
N PHE A 209 8.23 4.03 -6.35
CA PHE A 209 8.87 3.82 -5.05
C PHE A 209 10.26 3.15 -5.04
N GLU A 210 10.43 1.88 -5.47
CA GLU A 210 11.79 1.27 -5.36
C GLU A 210 12.90 2.07 -6.02
N THR A 211 12.65 2.50 -7.27
CA THR A 211 13.63 3.26 -8.04
C THR A 211 13.97 4.61 -7.42
N GLU A 212 12.94 5.44 -7.15
CA GLU A 212 13.21 6.78 -6.63
C GLU A 212 13.70 6.79 -5.19
N PHE A 213 13.29 5.78 -4.37
CA PHE A 213 13.73 5.75 -2.97
C PHE A 213 15.28 5.66 -2.88
N GLN A 214 15.92 4.97 -3.86
CA GLN A 214 17.40 4.86 -3.89
C GLN A 214 18.07 6.23 -3.95
N LYS A 215 17.40 7.23 -4.58
CA LYS A 215 17.91 8.59 -4.70
C LYS A 215 18.07 9.28 -3.35
N THR A 216 17.22 8.90 -2.35
CA THR A 216 17.35 9.50 -1.02
C THR A 216 18.69 9.11 -0.36
N LYS A 217 19.31 8.01 -0.81
CA LYS A 217 20.59 7.52 -0.30
C LYS A 217 21.77 7.95 -1.18
N ASN A 218 21.60 7.96 -2.52
CA ASN A 218 22.67 8.24 -3.48
C ASN A 218 22.96 9.72 -3.73
N GLN A 219 22.03 10.63 -3.40
CA GLN A 219 22.26 12.04 -3.64
C GLN A 219 21.77 12.96 -2.51
N GLU A 220 22.30 14.19 -2.46
CA GLU A 220 21.87 15.14 -1.46
C GLU A 220 20.51 15.72 -1.89
N TRP A 221 19.60 15.87 -0.93
CA TRP A 221 18.27 16.41 -1.20
C TRP A 221 17.85 17.33 -0.07
N ASP A 222 16.85 18.20 -0.35
CA ASP A 222 16.30 19.13 0.62
C ASP A 222 14.88 18.67 0.98
N PHE A 223 14.12 18.17 0.00
CA PHE A 223 12.75 17.74 0.26
C PHE A 223 12.46 16.41 -0.40
N VAL A 224 11.67 15.58 0.29
CA VAL A 224 11.09 14.38 -0.30
C VAL A 224 9.58 14.67 -0.29
N ILE A 225 8.93 14.61 -1.43
CA ILE A 225 7.49 14.84 -1.57
C ILE A 225 6.93 13.46 -1.78
N THR A 226 6.08 12.97 -0.86
CA THR A 226 5.61 11.59 -0.97
C THR A 226 4.14 11.43 -0.71
N THR A 227 3.56 10.40 -1.33
CA THR A 227 2.19 10.03 -1.01
C THR A 227 2.24 9.13 0.28
N ASP A 228 1.11 8.55 0.69
CA ASP A 228 1.00 7.71 1.90
C ASP A 228 1.88 6.45 1.85
N ILE A 229 2.46 6.07 0.67
CA ILE A 229 3.27 4.84 0.62
C ILE A 229 4.50 4.90 1.57
N SER A 230 4.96 6.14 1.90
CA SER A 230 6.10 6.24 2.82
C SER A 230 5.72 5.97 4.29
N GLU A 231 4.42 5.71 4.59
CA GLU A 231 4.04 5.30 5.97
C GLU A 231 4.49 3.83 6.25
N MET A 232 4.91 3.09 5.20
CA MET A 232 5.18 1.66 5.33
C MET A 232 6.63 1.30 5.50
N GLY A 233 7.25 1.88 6.53
CA GLY A 233 8.61 1.49 6.89
C GLY A 233 9.72 2.14 6.12
N ALA A 234 9.42 3.25 5.42
CA ALA A 234 10.42 3.98 4.65
C ALA A 234 11.23 4.82 5.63
N ASN A 235 12.55 4.64 5.67
CA ASN A 235 13.43 5.38 6.56
C ASN A 235 14.21 6.48 5.85
N PHE A 236 14.23 7.66 6.47
CA PHE A 236 14.88 8.83 5.91
C PHE A 236 15.82 9.42 6.97
N LYS A 237 16.85 10.13 6.53
CA LYS A 237 17.74 10.80 7.49
C LYS A 237 17.24 12.23 7.45
N ALA A 238 16.08 12.48 8.06
CA ALA A 238 15.46 13.81 7.97
C ALA A 238 15.31 14.46 9.35
N ASP A 239 15.08 15.78 9.40
CA ASP A 239 14.80 16.42 10.69
C ASP A 239 13.41 17.08 10.75
N ARG A 240 12.59 16.95 9.69
CA ARG A 240 11.28 17.55 9.72
C ARG A 240 10.32 16.76 8.88
N VAL A 241 9.09 16.66 9.32
CA VAL A 241 8.00 16.12 8.53
C VAL A 241 6.96 17.24 8.38
N ILE A 242 6.53 17.51 7.15
CA ILE A 242 5.41 18.44 6.89
C ILE A 242 4.32 17.49 6.48
N ASP A 243 3.16 17.59 7.13
CA ASP A 243 2.09 16.64 6.89
C ASP A 243 0.82 17.40 6.58
N SER A 244 0.36 17.31 5.33
CA SER A 244 -0.91 17.91 4.95
C SER A 244 -2.08 17.31 5.77
N ARG A 245 -1.90 16.06 6.29
CA ARG A 245 -2.91 15.30 7.04
C ARG A 245 -4.09 14.98 6.12
N ARG A 246 -3.82 14.83 4.79
CA ARG A 246 -4.92 14.54 3.87
C ARG A 246 -4.57 13.38 2.97
N CYS A 247 -5.59 12.74 2.47
CA CYS A 247 -5.42 11.59 1.58
C CYS A 247 -6.64 11.56 0.66
N LEU A 248 -6.56 10.76 -0.41
CA LEU A 248 -7.73 10.51 -1.27
C LEU A 248 -8.34 9.19 -0.80
N LYS A 249 -9.67 9.05 -0.97
CA LYS A 249 -10.37 7.86 -0.52
C LYS A 249 -11.13 7.27 -1.71
N PRO A 250 -10.79 6.06 -2.19
CA PRO A 250 -11.60 5.45 -3.26
C PRO A 250 -12.94 5.06 -2.66
N VAL A 251 -14.05 5.42 -3.35
CA VAL A 251 -15.40 5.18 -2.89
C VAL A 251 -16.21 4.58 -4.03
N ILE A 252 -16.86 3.47 -3.77
CA ILE A 252 -17.75 2.86 -4.78
C ILE A 252 -19.12 3.57 -4.67
N LEU A 253 -19.62 4.20 -5.77
CA LEU A 253 -20.92 4.89 -5.77
C LEU A 253 -21.95 4.05 -6.46
N ASP A 254 -23.13 3.85 -5.84
CA ASP A 254 -24.23 3.06 -6.40
C ASP A 254 -23.84 1.66 -6.90
N GLY A 255 -22.75 1.09 -6.39
CA GLY A 255 -22.26 -0.21 -6.82
C GLY A 255 -21.80 -0.25 -8.27
N GLU A 256 -21.62 0.92 -8.92
CA GLU A 256 -21.33 0.93 -10.37
C GLU A 256 -20.15 1.75 -10.87
N ARG A 257 -19.49 2.53 -10.02
CA ARG A 257 -18.33 3.31 -10.42
C ARG A 257 -17.48 3.59 -9.17
N VAL A 258 -16.21 3.93 -9.36
CA VAL A 258 -15.32 4.26 -8.24
C VAL A 258 -14.83 5.66 -8.50
N ILE A 259 -14.93 6.54 -7.49
CA ILE A 259 -14.41 7.89 -7.55
C ILE A 259 -13.29 8.01 -6.51
N LEU A 260 -12.43 9.01 -6.68
CA LEU A 260 -11.40 9.28 -5.68
C LEU A 260 -11.89 10.52 -4.91
N ALA A 261 -12.57 10.31 -3.78
CA ALA A 261 -13.14 11.38 -2.98
C ALA A 261 -12.06 12.08 -2.17
N GLY A 262 -12.32 13.34 -1.88
CA GLY A 262 -11.41 14.14 -1.08
C GLY A 262 -10.69 15.22 -1.86
N PRO A 263 -9.50 15.63 -1.40
CA PRO A 263 -8.74 15.11 -0.24
C PRO A 263 -9.51 15.28 1.06
N MET A 264 -9.31 14.33 1.97
CA MET A 264 -9.98 14.33 3.25
C MET A 264 -9.00 13.90 4.36
N PRO A 265 -9.39 14.01 5.65
CA PRO A 265 -8.42 13.71 6.72
C PRO A 265 -7.91 12.28 6.72
N VAL A 266 -6.65 12.12 7.11
CA VAL A 266 -6.06 10.81 7.25
C VAL A 266 -6.59 10.16 8.56
N THR A 267 -6.37 8.82 8.73
CA THR A 267 -6.70 8.16 10.00
C THR A 267 -5.63 8.54 11.04
N HIS A 268 -5.89 8.25 12.36
CA HIS A 268 -4.85 8.49 13.38
C HIS A 268 -3.64 7.61 13.11
N ALA A 269 -3.85 6.35 12.63
CA ALA A 269 -2.73 5.45 12.35
C ALA A 269 -1.81 6.05 11.27
N SER A 270 -2.41 6.61 10.18
CA SER A 270 -1.61 7.23 9.11
C SER A 270 -0.85 8.43 9.65
N ALA A 271 -1.53 9.29 10.41
CA ALA A 271 -0.85 10.46 11.01
C ALA A 271 0.33 10.06 11.89
N ALA A 272 0.15 9.01 12.71
CA ALA A 272 1.21 8.56 13.62
C ALA A 272 2.38 8.01 12.81
N GLN A 273 2.11 7.27 11.73
CA GLN A 273 3.20 6.75 10.88
C GLN A 273 3.94 7.86 10.10
N ARG A 274 3.21 8.91 9.65
CA ARG A 274 3.82 10.05 8.95
C ARG A 274 4.73 10.78 9.91
N ARG A 275 4.20 11.08 11.11
CA ARG A 275 5.03 11.72 12.14
C ARG A 275 6.23 10.83 12.54
N GLY A 276 6.00 9.52 12.58
CA GLY A 276 6.98 8.51 12.99
C GLY A 276 8.21 8.40 12.11
N ARG A 277 8.22 9.14 10.93
CA ARG A 277 9.41 9.17 10.07
C ARG A 277 10.55 9.88 10.77
N ILE A 278 10.23 10.83 11.70
CA ILE A 278 11.27 11.59 12.42
C ILE A 278 11.21 11.31 13.96
N GLY A 279 12.17 11.84 14.72
CA GLY A 279 12.25 11.56 16.15
C GLY A 279 12.85 10.18 16.40
N ARG A 280 13.48 9.56 15.36
CA ARG A 280 14.02 8.22 15.43
C ARG A 280 15.45 8.14 15.99
N ASN A 281 16.16 9.26 16.09
CA ASN A 281 17.55 9.23 16.58
C ASN A 281 17.61 9.77 18.00
N PRO A 282 17.92 8.90 19.01
CA PRO A 282 17.99 9.38 20.40
C PRO A 282 19.03 10.48 20.62
N ASN A 283 20.01 10.60 19.69
CA ASN A 283 21.03 11.65 19.79
C ASN A 283 20.67 12.98 19.09
N LYS A 284 19.49 13.05 18.47
CA LYS A 284 19.06 14.27 17.77
C LYS A 284 17.64 14.63 18.19
N PRO A 285 17.49 15.28 19.34
CA PRO A 285 16.16 15.69 19.78
C PRO A 285 15.71 16.92 19.01
N GLY A 286 14.42 17.21 19.03
CA GLY A 286 13.92 18.42 18.39
C GLY A 286 13.60 18.32 16.91
N ASP A 287 13.40 17.08 16.39
CA ASP A 287 12.91 16.95 15.01
C ASP A 287 11.48 17.54 14.98
N GLU A 288 11.07 18.16 13.87
CA GLU A 288 9.79 18.87 13.85
C GLU A 288 8.74 18.12 13.11
N TYR A 289 7.48 18.24 13.56
CA TYR A 289 6.36 17.62 12.85
C TYR A 289 5.30 18.72 12.74
N MET A 290 5.12 19.24 11.52
CA MET A 290 4.16 20.33 11.24
C MET A 290 2.97 19.70 10.61
N TYR A 291 1.76 19.91 11.15
CA TYR A 291 0.60 19.20 10.61
C TYR A 291 -0.53 20.15 10.29
N GLY A 292 -1.20 19.92 9.16
CA GLY A 292 -2.16 20.87 8.60
C GLY A 292 -3.63 20.54 8.63
N GLY A 293 -4.02 19.66 9.53
CA GLY A 293 -5.43 19.27 9.67
C GLY A 293 -5.60 18.21 10.74
N GLY A 294 -6.84 17.83 11.02
CA GLY A 294 -7.11 16.81 12.04
C GLY A 294 -7.16 15.42 11.44
N CYS A 295 -7.47 14.40 12.30
CA CYS A 295 -7.63 13.01 11.81
C CYS A 295 -9.11 12.66 11.85
N ALA A 296 -9.48 11.62 11.12
CA ALA A 296 -10.86 11.14 11.10
C ALA A 296 -10.84 9.66 10.69
N GLU A 297 -11.95 8.93 10.87
CA GLU A 297 -11.89 7.52 10.50
CA GLU A 297 -12.10 7.51 10.55
C GLU A 297 -12.39 7.37 9.05
N THR A 298 -11.47 7.81 8.18
CA THR A 298 -11.75 7.79 6.74
C THR A 298 -11.54 6.40 6.11
N ASP A 299 -11.19 5.36 6.92
CA ASP A 299 -11.15 4.01 6.38
C ASP A 299 -12.56 3.40 6.35
N GLU A 300 -13.54 4.00 7.04
CA GLU A 300 -14.92 3.50 7.02
C GLU A 300 -15.52 3.79 5.65
N GLY A 301 -16.03 2.75 4.97
CA GLY A 301 -16.61 2.87 3.63
C GLY A 301 -15.59 3.07 2.51
N HIS A 302 -14.29 2.86 2.82
CA HIS A 302 -13.19 3.01 1.88
C HIS A 302 -13.16 1.75 1.01
N ALA A 303 -13.03 1.90 -0.32
CA ALA A 303 -13.12 0.75 -1.26
C ALA A 303 -12.14 -0.39 -0.98
N HIS A 304 -10.96 -0.08 -0.41
CA HIS A 304 -9.97 -1.12 -0.17
C HIS A 304 -10.49 -2.31 0.66
N TRP A 305 -11.38 -2.07 1.63
CA TRP A 305 -11.89 -3.19 2.48
C TRP A 305 -12.90 -4.05 1.68
N LEU A 306 -13.65 -3.42 0.75
CA LEU A 306 -14.58 -4.19 -0.11
C LEU A 306 -13.69 -5.01 -1.09
N GLU A 307 -12.63 -4.36 -1.66
CA GLU A 307 -11.70 -5.08 -2.55
C GLU A 307 -11.01 -6.26 -1.83
N ALA A 308 -10.65 -6.11 -0.55
CA ALA A 308 -10.07 -7.21 0.26
C ALA A 308 -11.06 -8.38 0.36
N ARG A 309 -12.38 -8.07 0.48
CA ARG A 309 -13.40 -9.13 0.48
C ARG A 309 -13.50 -9.81 -0.87
N MET A 310 -13.35 -9.05 -1.99
CA MET A 310 -13.36 -9.69 -3.32
C MET A 310 -12.20 -10.69 -3.44
N LEU A 311 -11.02 -10.32 -2.92
CA LEU A 311 -9.87 -11.20 -3.01
C LEU A 311 -10.10 -12.45 -2.10
N LEU A 312 -10.54 -12.26 -0.83
CA LEU A 312 -10.73 -13.39 0.10
C LEU A 312 -11.82 -14.35 -0.34
N ASP A 313 -12.86 -13.82 -0.99
CA ASP A 313 -13.90 -14.70 -1.51
C ASP A 313 -13.39 -15.66 -2.58
N ASN A 314 -12.24 -15.35 -3.19
CA ASN A 314 -11.66 -16.14 -4.27
C ASN A 314 -10.39 -16.89 -3.86
N ILE A 315 -10.14 -17.05 -2.56
CA ILE A 315 -9.00 -17.84 -2.07
C ILE A 315 -9.52 -19.11 -1.38
N TYR A 316 -8.99 -20.28 -1.76
CA TYR A 316 -9.40 -21.53 -1.09
C TYR A 316 -8.88 -21.55 0.35
N LEU A 317 -9.74 -21.95 1.29
CA LEU A 317 -9.44 -22.07 2.71
C LEU A 317 -9.63 -23.55 3.11
N GLN A 318 -10.88 -24.05 2.99
CA GLN A 318 -11.22 -25.43 3.29
C GLN A 318 -12.65 -25.59 2.79
N ASP A 319 -12.90 -26.55 1.88
CA ASP A 319 -14.19 -26.78 1.23
C ASP A 319 -14.83 -25.44 0.73
N GLY A 320 -16.05 -25.12 1.14
CA GLY A 320 -16.68 -23.86 0.76
C GLY A 320 -16.52 -22.75 1.76
N LEU A 321 -15.64 -22.94 2.78
CA LEU A 321 -15.42 -21.93 3.82
C LEU A 321 -14.64 -20.75 3.25
N ILE A 322 -14.88 -19.57 3.82
CA ILE A 322 -14.26 -18.36 3.31
C ILE A 322 -13.67 -17.54 4.46
N ALA A 323 -12.42 -17.07 4.30
CA ALA A 323 -11.75 -16.32 5.35
C ALA A 323 -12.43 -15.00 5.63
N SER A 324 -12.52 -14.66 6.90
CA SER A 324 -13.10 -13.39 7.32
C SER A 324 -12.01 -12.34 7.37
N LEU A 325 -12.37 -11.04 7.34
CA LEU A 325 -11.38 -9.99 7.60
C LEU A 325 -10.93 -10.10 9.05
N TYR A 326 -9.72 -9.60 9.36
CA TYR A 326 -9.17 -9.52 10.70
C TYR A 326 -10.16 -8.69 11.56
N ARG A 327 -10.58 -9.27 12.70
CA ARG A 327 -11.68 -8.70 13.48
C ARG A 327 -11.64 -7.16 13.70
N PRO A 328 -10.55 -6.51 14.12
CA PRO A 328 -10.59 -5.05 14.34
C PRO A 328 -10.80 -4.19 13.08
N GLU A 329 -10.71 -4.80 11.89
CA GLU A 329 -10.98 -4.02 10.67
C GLU A 329 -12.13 -4.59 9.84
N ALA A 330 -12.89 -5.56 10.40
CA ALA A 330 -14.00 -6.23 9.70
C ALA A 330 -15.29 -5.42 9.57
N ASP A 331 -15.41 -4.30 10.29
CA ASP A 331 -16.64 -3.48 10.21
C ASP A 331 -16.52 -2.29 9.25
N LYS A 332 -15.38 -2.15 8.57
CA LYS A 332 -15.16 -1.01 7.69
C LYS A 332 -15.95 -1.09 6.40
N VAL A 333 -16.44 -2.28 6.04
CA VAL A 333 -17.20 -2.52 4.81
C VAL A 333 -18.48 -3.23 5.09
N ALA A 334 -19.55 -2.85 4.40
CA ALA A 334 -20.82 -3.58 4.51
C ALA A 334 -20.68 -4.61 3.40
N ALA A 335 -20.37 -5.85 3.75
CA ALA A 335 -20.17 -6.90 2.74
C ALA A 335 -20.59 -8.25 3.27
N ILE A 336 -21.12 -9.07 2.39
CA ILE A 336 -21.56 -10.41 2.70
C ILE A 336 -20.43 -11.38 2.32
N GLU A 337 -19.93 -12.17 3.28
CA GLU A 337 -18.87 -13.15 2.98
C GLU A 337 -19.35 -14.14 1.92
N GLY A 338 -18.55 -14.30 0.86
CA GLY A 338 -18.90 -15.18 -0.26
C GLY A 338 -19.67 -14.52 -1.41
N GLU A 339 -20.11 -13.26 -1.26
CA GLU A 339 -20.88 -12.61 -2.35
C GLU A 339 -20.06 -12.41 -3.65
N PHE A 340 -18.71 -12.37 -3.54
CA PHE A 340 -17.87 -12.15 -4.72
C PHE A 340 -17.17 -13.43 -5.22
N LYS A 341 -17.58 -14.61 -4.71
CA LYS A 341 -16.97 -15.86 -5.11
C LYS A 341 -17.27 -16.16 -6.58
N LEU A 342 -16.22 -16.33 -7.39
CA LEU A 342 -16.36 -16.61 -8.82
C LEU A 342 -16.13 -18.07 -9.20
N ARG A 343 -16.79 -18.54 -10.28
CA ARG A 343 -16.53 -19.88 -10.82
C ARG A 343 -15.12 -19.94 -11.40
N THR A 344 -14.57 -21.17 -11.56
CA THR A 344 -13.17 -21.39 -11.93
C THR A 344 -12.64 -20.48 -13.08
N GLU A 345 -13.33 -20.45 -14.23
CA GLU A 345 -12.88 -19.64 -15.37
C GLU A 345 -12.95 -18.13 -15.11
N GLN A 346 -14.06 -17.64 -14.55
CA GLN A 346 -14.15 -16.20 -14.24
C GLN A 346 -13.11 -15.79 -13.20
N ARG A 347 -12.80 -16.70 -12.24
CA ARG A 347 -11.78 -16.39 -11.23
C ARG A 347 -10.41 -16.25 -11.90
N LYS A 348 -10.11 -17.11 -12.88
CA LYS A 348 -8.85 -17.05 -13.59
C LYS A 348 -8.73 -15.71 -14.35
N THR A 349 -9.84 -15.25 -14.95
CA THR A 349 -9.85 -13.96 -15.66
C THR A 349 -9.60 -12.82 -14.66
N PHE A 350 -10.32 -12.86 -13.51
CA PHE A 350 -10.15 -11.84 -12.44
C PHE A 350 -8.69 -11.70 -12.02
N VAL A 351 -8.04 -12.85 -11.75
CA VAL A 351 -6.63 -12.85 -11.38
C VAL A 351 -5.74 -12.24 -12.48
N GLU A 352 -5.94 -12.68 -13.71
CA GLU A 352 -5.11 -12.18 -14.83
C GLU A 352 -5.30 -10.67 -15.05
N LEU A 353 -6.53 -10.16 -14.91
CA LEU A 353 -6.76 -8.71 -15.05
C LEU A 353 -6.00 -7.91 -13.98
N MET A 354 -5.85 -8.49 -12.76
CA MET A 354 -5.07 -7.79 -11.73
C MET A 354 -3.59 -7.96 -11.96
N LYS A 355 -3.16 -9.18 -12.24
CA LYS A 355 -1.72 -9.49 -12.35
C LYS A 355 -1.12 -8.93 -13.66
N ARG A 356 -1.55 -9.41 -14.81
CA ARG A 356 -1.02 -8.92 -16.09
C ARG A 356 -1.68 -7.58 -16.47
N GLY A 357 -3.00 -7.48 -16.27
CA GLY A 357 -3.71 -6.26 -16.63
C GLY A 357 -3.38 -5.03 -15.79
N ASP A 358 -2.91 -5.26 -14.56
CA ASP A 358 -2.59 -4.18 -13.63
C ASP A 358 -3.81 -3.30 -13.31
N LEU A 359 -5.01 -3.87 -13.39
CA LEU A 359 -6.20 -3.10 -13.06
C LEU A 359 -6.47 -3.13 -11.55
N PRO A 360 -7.18 -2.09 -11.03
CA PRO A 360 -7.64 -2.15 -9.62
C PRO A 360 -8.53 -3.37 -9.39
N VAL A 361 -8.58 -3.88 -8.13
CA VAL A 361 -9.39 -5.07 -7.83
C VAL A 361 -10.85 -4.89 -8.25
N TRP A 362 -11.45 -3.76 -7.85
CA TRP A 362 -12.90 -3.57 -8.16
C TRP A 362 -13.20 -3.66 -9.64
N LEU A 363 -12.35 -3.01 -10.47
CA LEU A 363 -12.53 -2.96 -11.91
C LEU A 363 -12.32 -4.34 -12.50
N ALA A 364 -11.26 -5.04 -12.06
CA ALA A 364 -11.01 -6.43 -12.52
C ALA A 364 -12.20 -7.34 -12.24
N TYR A 365 -12.82 -7.18 -11.05
CA TYR A 365 -14.00 -7.99 -10.69
C TYR A 365 -15.18 -7.69 -11.61
N GLN A 366 -15.46 -6.39 -11.90
CA GLN A 366 -16.62 -6.08 -12.79
C GLN A 366 -16.48 -6.76 -14.15
N VAL A 367 -15.25 -6.76 -14.71
CA VAL A 367 -15.04 -7.37 -16.04
C VAL A 367 -15.15 -8.89 -16.01
N ALA A 368 -14.47 -9.55 -15.04
CA ALA A 368 -14.52 -11.00 -14.91
C ALA A 368 -15.93 -11.50 -14.61
N SER A 369 -16.65 -10.83 -13.68
CA SER A 369 -18.02 -11.24 -13.33
C SER A 369 -19.04 -11.02 -14.46
N ALA A 370 -18.70 -10.13 -15.43
CA ALA A 370 -19.55 -9.94 -16.62
C ALA A 370 -19.33 -11.08 -17.66
N GLY A 371 -18.43 -12.02 -17.38
CA GLY A 371 -18.13 -13.12 -18.30
C GLY A 371 -17.26 -12.73 -19.49
N ILE A 372 -16.53 -11.61 -19.38
CA ILE A 372 -15.65 -11.11 -20.43
C ILE A 372 -14.29 -11.77 -20.24
N THR A 373 -13.65 -12.23 -21.32
CA THR A 373 -12.32 -12.87 -21.24
C THR A 373 -11.21 -11.84 -21.19
N TYR A 374 -10.02 -12.23 -20.72
CA TYR A 374 -8.95 -11.27 -20.46
C TYR A 374 -8.60 -10.37 -21.65
N THR A 375 -8.47 -10.95 -22.84
CA THR A 375 -8.01 -10.19 -24.02
C THR A 375 -9.12 -9.40 -24.74
N ASP A 376 -10.38 -9.53 -24.30
CA ASP A 376 -11.50 -8.85 -24.96
C ASP A 376 -11.61 -7.46 -24.35
N ARG A 377 -11.20 -6.41 -25.14
CA ARG A 377 -11.18 -5.05 -24.65
C ARG A 377 -12.32 -4.20 -25.19
N ARG A 378 -13.39 -4.82 -25.79
CA ARG A 378 -14.50 -4.01 -26.28
C ARG A 378 -15.11 -3.14 -25.17
N TRP A 379 -15.12 -3.65 -23.92
CA TRP A 379 -15.68 -2.88 -22.80
C TRP A 379 -14.95 -1.56 -22.54
N CYS A 380 -13.72 -1.39 -23.02
CA CYS A 380 -13.00 -0.11 -22.81
C CYS A 380 -13.57 1.03 -23.64
N PHE A 381 -14.50 0.74 -24.58
CA PHE A 381 -14.99 1.73 -25.53
C PHE A 381 -16.50 1.83 -25.59
N ASP A 382 -17.25 0.93 -24.93
CA ASP A 382 -18.72 0.94 -25.11
C ASP A 382 -19.51 1.47 -23.91
N GLY A 383 -18.88 2.27 -23.08
CA GLY A 383 -19.57 2.86 -21.93
C GLY A 383 -20.39 4.08 -22.32
N THR A 384 -21.11 4.67 -21.33
CA THR A 384 -21.93 5.85 -21.61
C THR A 384 -21.04 7.09 -21.80
N THR A 385 -21.57 8.13 -22.44
CA THR A 385 -20.79 9.35 -22.68
C THR A 385 -20.21 9.96 -21.41
N ASN A 386 -20.88 9.78 -20.26
CA ASN A 386 -20.38 10.33 -19.00
C ASN A 386 -19.14 9.56 -18.48
N ASN A 387 -18.84 8.35 -19.02
CA ASN A 387 -17.63 7.59 -18.65
C ASN A 387 -16.41 7.90 -19.52
N THR A 388 -16.51 8.92 -20.40
CA THR A 388 -15.42 9.35 -21.26
C THR A 388 -14.24 9.79 -20.42
N ILE A 389 -13.06 9.20 -20.68
CA ILE A 389 -11.86 9.60 -19.96
C ILE A 389 -11.26 10.78 -20.70
N MET A 390 -10.86 11.83 -19.97
CA MET A 390 -10.31 13.03 -20.56
C MET A 390 -8.81 13.11 -20.41
N GLU A 391 -8.15 13.66 -21.42
CA GLU A 391 -6.71 13.85 -21.42
CA GLU A 391 -6.70 13.85 -21.43
C GLU A 391 -6.49 15.31 -21.80
N ASP A 392 -6.09 16.14 -20.82
CA ASP A 392 -5.88 17.56 -21.05
C ASP A 392 -7.14 18.26 -21.63
N SER A 393 -8.28 18.07 -20.96
CA SER A 393 -9.60 18.67 -21.26
C SER A 393 -10.27 18.26 -22.59
N VAL A 394 -9.77 17.21 -23.26
CA VAL A 394 -10.37 16.68 -24.50
C VAL A 394 -10.46 15.13 -24.37
N PRO A 395 -11.47 14.43 -24.92
CA PRO A 395 -11.51 12.95 -24.77
C PRO A 395 -10.21 12.25 -25.13
N ALA A 396 -9.77 11.30 -24.30
CA ALA A 396 -8.55 10.53 -24.59
C ALA A 396 -8.87 9.59 -25.74
N GLU A 397 -7.88 9.35 -26.62
CA GLU A 397 -8.11 8.50 -27.79
C GLU A 397 -7.05 7.44 -27.88
N VAL A 398 -7.41 6.24 -28.37
CA VAL A 398 -6.41 5.19 -28.55
C VAL A 398 -6.69 4.45 -29.86
N TRP A 399 -5.67 3.80 -30.42
CA TRP A 399 -5.92 2.93 -31.54
C TRP A 399 -6.22 1.58 -30.94
N THR A 400 -7.38 1.01 -31.28
CA THR A 400 -7.74 -0.31 -30.79
C THR A 400 -6.82 -1.37 -31.45
N LYS A 401 -6.87 -2.60 -30.93
CA LYS A 401 -6.13 -3.73 -31.50
C LYS A 401 -6.57 -4.01 -32.95
N TYR A 402 -7.74 -3.47 -33.37
CA TYR A 402 -8.23 -3.63 -34.73
C TYR A 402 -7.68 -2.56 -35.72
N GLY A 403 -7.04 -1.51 -35.19
CA GLY A 403 -6.49 -0.44 -36.01
C GLY A 403 -7.39 0.76 -36.14
N GLU A 404 -8.40 0.88 -35.28
CA GLU A 404 -9.37 1.97 -35.32
C GLU A 404 -9.11 2.96 -34.20
N LYS A 405 -9.11 4.29 -34.50
CA LYS A 405 -8.93 5.29 -33.44
C LYS A 405 -10.30 5.47 -32.76
N ARG A 406 -10.33 5.31 -31.43
CA ARG A 406 -11.56 5.39 -30.68
C ARG A 406 -11.35 6.17 -29.39
N VAL A 407 -12.43 6.82 -28.94
CA VAL A 407 -12.45 7.52 -27.67
C VAL A 407 -12.52 6.48 -26.53
N LEU A 408 -11.68 6.67 -25.52
CA LEU A 408 -11.63 5.82 -24.33
C LEU A 408 -12.87 6.12 -23.45
N LYS A 409 -13.77 5.16 -23.33
CA LYS A 409 -15.06 5.33 -22.65
C LYS A 409 -15.46 3.98 -22.01
N PRO A 410 -14.79 3.63 -20.90
CA PRO A 410 -15.01 2.29 -20.31
C PRO A 410 -16.43 2.06 -19.81
N ARG A 411 -16.91 0.82 -19.97
CA ARG A 411 -18.23 0.39 -19.49
C ARG A 411 -18.37 0.60 -17.95
N TRP A 412 -17.23 0.41 -17.19
CA TRP A 412 -17.16 0.64 -15.74
C TRP A 412 -16.04 1.64 -15.55
N MET A 413 -16.33 2.71 -14.82
CA MET A 413 -15.38 3.77 -14.62
C MET A 413 -14.78 3.67 -13.23
N ASP A 414 -13.47 3.53 -13.15
CA ASP A 414 -12.77 3.51 -11.89
C ASP A 414 -11.72 4.59 -12.01
N ALA A 415 -11.85 5.66 -11.21
CA ALA A 415 -10.99 6.84 -11.27
C ALA A 415 -9.52 6.53 -11.12
N ARG A 416 -9.19 5.38 -10.56
CA ARG A 416 -7.77 5.04 -10.35
C ARG A 416 -7.03 4.76 -11.65
N VAL A 417 -7.76 4.44 -12.76
CA VAL A 417 -7.05 4.18 -14.03
C VAL A 417 -6.57 5.46 -14.71
N CYS A 418 -6.95 6.63 -14.20
CA CYS A 418 -6.55 7.89 -14.82
C CYS A 418 -6.27 8.99 -13.78
N SER A 419 -5.86 8.60 -12.56
CA SER A 419 -5.58 9.53 -11.43
C SER A 419 -4.36 10.44 -11.65
N ASP A 420 -3.45 10.02 -12.55
CA ASP A 420 -2.26 10.77 -12.93
C ASP A 420 -1.84 10.37 -14.38
N HIS A 421 -0.84 11.05 -14.96
CA HIS A 421 -0.41 10.77 -16.33
C HIS A 421 0.05 9.33 -16.50
N ALA A 422 0.84 8.79 -15.55
CA ALA A 422 1.33 7.40 -15.63
C ALA A 422 0.17 6.40 -15.64
N ALA A 423 -0.85 6.61 -14.78
CA ALA A 423 -1.99 5.67 -14.72
C ALA A 423 -2.73 5.69 -16.05
N LEU A 424 -3.02 6.89 -16.60
CA LEU A 424 -3.76 6.98 -17.87
C LEU A 424 -2.97 6.33 -19.03
N LYS A 425 -1.64 6.53 -19.04
CA LYS A 425 -0.80 5.92 -20.08
C LYS A 425 -0.88 4.39 -20.04
N SER A 426 -0.87 3.82 -18.80
CA SER A 426 -0.93 2.37 -18.64
C SER A 426 -2.34 1.88 -19.08
N PHE A 427 -3.40 2.59 -18.71
CA PHE A 427 -4.77 2.17 -19.11
C PHE A 427 -4.98 2.25 -20.65
N LYS A 428 -4.44 3.27 -21.30
CA LYS A 428 -4.46 3.42 -22.75
C LYS A 428 -3.81 2.21 -23.43
N GLU A 429 -2.65 1.78 -22.90
CA GLU A 429 -1.92 0.60 -23.42
C GLU A 429 -2.79 -0.65 -23.27
N PHE A 430 -3.43 -0.81 -22.11
CA PHE A 430 -4.37 -1.92 -21.88
C PHE A 430 -5.56 -1.88 -22.84
N ALA A 431 -6.21 -0.69 -22.96
CA ALA A 431 -7.36 -0.55 -23.87
C ALA A 431 -6.99 -0.93 -25.35
N ALA A 432 -5.74 -0.68 -25.72
CA ALA A 432 -5.21 -0.96 -27.06
C ALA A 432 -4.77 -2.43 -27.27
N GLY A 433 -4.86 -3.27 -26.24
CA GLY A 433 -4.45 -4.66 -26.36
C GLY A 433 -2.95 -4.88 -26.27
N LYS A 434 -2.21 -3.91 -25.68
CA LYS A 434 -0.75 -4.02 -25.61
C LYS A 434 -0.21 -4.89 -24.46
N ARG A 435 -1.09 -5.39 -23.60
CA ARG A 435 -0.71 -6.36 -22.56
C ARG A 435 -1.91 -7.18 -22.12
C1 EDO B . 3.71 -1.56 -2.96
O1 EDO B . 2.50 -0.98 -3.39
C2 EDO B . 4.87 -0.82 -3.59
O2 EDO B . 5.84 -1.74 -4.05
P PO4 C . 10.71 -0.28 14.13
O1 PO4 C . 10.65 -1.45 13.17
O2 PO4 C . 10.03 -0.66 15.46
O3 PO4 C . 9.97 0.94 13.54
O4 PO4 C . 12.18 0.11 14.40
P PO4 D . -4.48 5.18 -4.66
O1 PO4 D . -5.27 4.18 -5.48
O2 PO4 D . -4.20 6.45 -5.50
O3 PO4 D . -5.26 5.57 -3.39
O4 PO4 D . -3.13 4.56 -4.25
N1 AWD E . -2.01 -1.53 -9.13
N3 AWD E . -2.59 -5.92 -7.23
C4 AWD E . -2.28 -4.00 -9.28
C5 AWD E . -2.91 -2.64 -9.46
C6 AWD E . -1.56 -5.01 -7.12
C7 AWD E . -2.70 -7.14 -6.54
C8 AWD E . -3.97 -7.59 -6.19
C10 AWD E . -3.02 -9.43 -5.06
C1 AWD E . -2.16 -0.44 -10.09
C2 AWD E . -0.61 -1.95 -9.03
C3 AWD E . -0.42 -3.03 -7.98
N2 AWD E . -1.46 -4.06 -8.08
O1 AWD E . -0.72 -5.08 -6.20
C9 AWD E . -4.13 -8.76 -5.47
C11 AWD E . -1.75 -8.98 -5.30
C12 AWD E . -1.59 -7.81 -6.03
F1 AWD E . -3.17 -10.57 -4.33
#